data_7CHY
#
_entry.id   7CHY
#
_cell.length_a   156.344
_cell.length_b   112.240
_cell.length_c   38.577
_cell.angle_alpha   90.000
_cell.angle_beta   94.847
_cell.angle_gamma   90.000
#
_symmetry.space_group_name_H-M   'C 1 2 1'
#
loop_
_entity.id
_entity.type
_entity.pdbx_description
1 polymer 'light chain of antibody binding fragment of IgG26'
2 polymer 'heavy chain of antibody binding fragment of IgG26'
3 polymer 'Interleukin-1 beta'
4 water water
#
loop_
_entity_poly.entity_id
_entity_poly.type
_entity_poly.pdbx_seq_one_letter_code
_entity_poly.pdbx_strand_id
1 'polypeptide(L)'
;DIQMTQSPSSLSASVGDRVTITCRASQDVSWGVAWYQQKPGKAPKLLIYSTASLYSGVPSRFSGSGSGTDFTLTISSLQP
EDFATYYCQQYSNFPITFGQGTKVEIKRTVAAPSVFIFPPSDEQLKSGTASVVCLLNNFYPREAKVQWKVDNALQSGNSQ
ESVTEQDSKDSTYSLSSTLTLSKADYEKHKVYACEVTHQGLSSPVTKSFNRGEC
;
L
2 'polypeptide(L)'
;EVQLVESGGGLVQPGGSLRLSCAASGFTINGYSIHWVRQAPGKGLEWVARIWPYGGFTYYADSVKGRFTISADTSKNTAY
LQMNSLRAEDTAVYYCARFNGYWNYIMDYWGQGTLVTVSSASTKGPSVFPLAPSSKSTSGGTAALGCLVKDYFPEPVTVS
WNSGALTSGVHTFPAVLQSSGLYSLSSVVTVPSSSLGTQTYICNVNHKPSNTKVDKKAEPKSCDKLHHHHHHHH
;
H
3 'polypeptide(L)'
;LGSRAPVRSLNCTLRDSQQKSLVMSGPYELKALHLQGQDMEQQVVFSMSFVQGEESNDKIPVALGLKEKNLYLSCVLKDD
KPTLQLESVDPKNYPKKKMEKRFVFNKIEINNKLEFESAQFPNWYISTSQAENMPVFLGGTKGGQDITDFTMQFVSS
;
I
#
# COMPACT_ATOMS: atom_id res chain seq x y z
N ASP A 1 5.96 -16.67 2.42
CA ASP A 1 5.67 -15.22 2.17
C ASP A 1 6.79 -14.66 1.27
N ILE A 2 6.48 -14.45 0.00
CA ILE A 2 7.43 -14.04 -1.09
C ILE A 2 7.90 -12.60 -0.83
N GLN A 3 9.20 -12.39 -0.62
CA GLN A 3 9.82 -11.06 -0.43
C GLN A 3 9.89 -10.35 -1.79
N MET A 4 9.52 -9.07 -1.82
CA MET A 4 9.57 -8.20 -3.03
C MET A 4 10.53 -7.05 -2.76
N THR A 5 11.83 -7.27 -2.98
CA THR A 5 12.91 -6.30 -2.74
C THR A 5 12.88 -5.25 -3.85
N GLN A 6 12.57 -4.00 -3.51
CA GLN A 6 12.41 -2.86 -4.45
C GLN A 6 13.63 -1.95 -4.31
N SER A 7 14.15 -1.43 -5.44
CA SER A 7 15.38 -0.60 -5.50
C SER A 7 15.18 0.57 -6.46
N PRO A 8 15.75 1.77 -6.15
CA PRO A 8 16.32 2.07 -4.84
C PRO A 8 15.26 2.41 -3.79
N SER A 9 15.70 2.81 -2.58
CA SER A 9 14.84 3.26 -1.46
C SER A 9 14.13 4.56 -1.85
N SER A 10 14.89 5.54 -2.36
CA SER A 10 14.38 6.84 -2.86
C SER A 10 15.21 7.30 -4.06
N LEU A 11 14.67 8.25 -4.84
CA LEU A 11 15.34 8.83 -6.04
C LEU A 11 14.87 10.27 -6.26
N SER A 12 15.62 11.00 -7.10
CA SER A 12 15.28 12.38 -7.57
C SER A 12 15.68 12.51 -9.04
N ALA A 13 14.88 13.23 -9.84
CA ALA A 13 15.09 13.46 -11.28
C ALA A 13 14.21 14.61 -11.78
N SER A 14 14.72 15.37 -12.76
CA SER A 14 14.14 16.66 -13.26
C SER A 14 12.94 16.40 -14.18
N VAL A 15 12.03 17.36 -14.27
CA VAL A 15 10.79 17.32 -15.11
C VAL A 15 11.20 17.01 -16.55
N GLY A 16 10.71 15.90 -17.11
CA GLY A 16 10.97 15.46 -18.50
C GLY A 16 11.97 14.32 -18.57
N ASP A 17 12.71 14.06 -17.49
CA ASP A 17 13.77 13.02 -17.41
C ASP A 17 13.17 11.62 -17.55
N ARG A 18 14.03 10.60 -17.62
CA ARG A 18 13.66 9.16 -17.74
C ARG A 18 14.26 8.40 -16.57
N VAL A 19 13.41 7.83 -15.70
CA VAL A 19 13.81 6.99 -14.53
C VAL A 19 13.07 5.65 -14.58
N THR A 20 13.75 4.59 -14.14
CA THR A 20 13.24 3.20 -14.05
C THR A 20 13.36 2.74 -12.60
N ILE A 21 12.27 2.24 -12.03
CA ILE A 21 12.23 1.56 -10.69
C ILE A 21 12.33 0.06 -10.95
N THR A 22 13.11 -0.64 -10.12
CA THR A 22 13.37 -2.10 -10.25
C THR A 22 12.84 -2.81 -9.00
N CYS A 23 12.19 -3.96 -9.17
CA CYS A 23 11.61 -4.80 -8.10
C CYS A 23 11.97 -6.27 -8.34
N ARG A 24 12.64 -6.90 -7.37
CA ARG A 24 13.13 -8.31 -7.45
C ARG A 24 12.36 -9.18 -6.45
N ALA A 25 11.99 -10.40 -6.87
CA ALA A 25 11.21 -11.38 -6.09
C ALA A 25 12.14 -12.40 -5.44
N SER A 26 11.77 -12.90 -4.26
CA SER A 26 12.49 -13.98 -3.53
C SER A 26 12.32 -15.31 -4.27
N GLN A 27 11.25 -15.46 -5.06
CA GLN A 27 11.02 -16.64 -5.94
C GLN A 27 10.12 -16.22 -7.11
N ASP A 28 9.94 -17.11 -8.10
CA ASP A 28 9.19 -16.82 -9.36
C ASP A 28 7.73 -16.54 -9.01
N VAL A 29 7.22 -15.39 -9.45
CA VAL A 29 5.80 -14.94 -9.29
C VAL A 29 5.15 -14.90 -10.68
N SER A 30 5.86 -15.40 -11.69
CA SER A 30 5.38 -15.49 -13.10
C SER A 30 5.10 -14.07 -13.62
N TRP A 31 3.89 -13.78 -14.06
CA TRP A 31 3.51 -12.48 -14.67
C TRP A 31 2.47 -11.77 -13.80
N GLY A 32 2.35 -12.16 -12.53
CA GLY A 32 1.38 -11.61 -11.57
C GLY A 32 1.96 -10.46 -10.78
N VAL A 33 2.48 -9.43 -11.46
CA VAL A 33 3.05 -8.22 -10.81
C VAL A 33 2.23 -7.00 -11.22
N ALA A 34 1.95 -6.12 -10.26
CA ALA A 34 1.30 -4.80 -10.44
C ALA A 34 2.18 -3.71 -9.83
N TRP A 35 1.96 -2.47 -10.27
CA TRP A 35 2.68 -1.25 -9.80
C TRP A 35 1.65 -0.20 -9.37
N TYR A 36 1.86 0.37 -8.17
CA TYR A 36 0.92 1.34 -7.56
C TYR A 36 1.68 2.63 -7.28
N GLN A 37 1.01 3.76 -7.46
CA GLN A 37 1.49 5.15 -7.20
C GLN A 37 0.68 5.74 -6.04
N GLN A 38 1.33 6.05 -4.92
CA GLN A 38 0.68 6.64 -3.73
C GLN A 38 1.24 8.04 -3.52
N LYS A 39 0.37 9.05 -3.54
CA LYS A 39 0.68 10.43 -3.12
C LYS A 39 0.55 10.49 -1.60
N PRO A 40 1.40 11.25 -0.88
CA PRO A 40 1.22 11.42 0.56
C PRO A 40 -0.23 11.62 1.00
N GLY A 41 -0.64 10.90 2.05
CA GLY A 41 -1.96 11.02 2.70
C GLY A 41 -3.11 10.68 1.75
N LYS A 42 -2.87 9.78 0.79
CA LYS A 42 -3.90 9.35 -0.19
C LYS A 42 -3.74 7.86 -0.51
N ALA A 43 -4.82 7.24 -0.98
CA ALA A 43 -4.88 5.81 -1.34
C ALA A 43 -4.04 5.57 -2.58
N PRO A 44 -3.34 4.41 -2.67
CA PRO A 44 -2.57 4.07 -3.88
C PRO A 44 -3.48 4.02 -5.11
N LYS A 45 -2.92 4.39 -6.26
CA LYS A 45 -3.58 4.30 -7.60
C LYS A 45 -2.88 3.23 -8.45
N LEU A 46 -3.66 2.39 -9.12
CA LEU A 46 -3.13 1.36 -10.04
C LEU A 46 -2.58 2.05 -11.28
N LEU A 47 -1.43 1.57 -11.76
CA LEU A 47 -0.75 2.01 -13.00
C LEU A 47 -0.62 0.82 -13.94
N ILE A 48 0.22 -0.14 -13.55
CA ILE A 48 0.52 -1.37 -14.33
C ILE A 48 -0.08 -2.56 -13.58
N TYR A 49 -0.77 -3.46 -14.29
CA TYR A 49 -1.17 -4.80 -13.81
C TYR A 49 -0.60 -5.84 -14.79
N SER A 50 -0.35 -7.05 -14.31
CA SER A 50 0.11 -8.22 -15.10
C SER A 50 1.44 -7.90 -15.80
N THR A 51 2.34 -7.24 -15.07
CA THR A 51 3.76 -6.95 -15.42
C THR A 51 3.84 -5.79 -16.43
N ALA A 52 3.15 -5.90 -17.57
CA ALA A 52 3.30 -4.99 -18.74
C ALA A 52 2.01 -4.23 -19.05
N SER A 53 0.83 -4.74 -18.67
CA SER A 53 -0.48 -4.15 -19.06
C SER A 53 -0.74 -2.86 -18.27
N LEU A 54 -1.02 -1.78 -18.99
CA LEU A 54 -1.31 -0.42 -18.46
C LEU A 54 -2.81 -0.35 -18.15
N TYR A 55 -3.19 0.06 -16.93
CA TYR A 55 -4.60 0.25 -16.51
C TYR A 55 -5.18 1.47 -17.23
N SER A 56 -6.43 1.36 -17.67
CA SER A 56 -7.16 2.40 -18.45
C SER A 56 -7.07 3.76 -17.73
N GLY A 57 -6.73 4.82 -18.47
CA GLY A 57 -6.68 6.21 -17.98
C GLY A 57 -5.28 6.64 -17.58
N VAL A 58 -4.31 5.71 -17.60
CA VAL A 58 -2.90 5.98 -17.21
C VAL A 58 -2.15 6.47 -18.45
N PRO A 59 -1.42 7.60 -18.34
CA PRO A 59 -0.57 8.08 -19.42
C PRO A 59 0.40 6.99 -19.92
N SER A 60 0.66 6.97 -21.23
CA SER A 60 1.48 5.95 -21.96
C SER A 60 2.96 6.10 -21.61
N ARG A 61 3.35 7.22 -21.01
CA ARG A 61 4.72 7.47 -20.50
C ARG A 61 5.05 6.45 -19.40
N PHE A 62 4.03 5.90 -18.73
CA PHE A 62 4.14 4.78 -17.76
C PHE A 62 4.09 3.44 -18.51
N SER A 63 5.14 2.63 -18.39
CA SER A 63 5.22 1.24 -18.91
C SER A 63 5.99 0.36 -17.93
N GLY A 64 5.77 -0.95 -18.00
CA GLY A 64 6.42 -1.95 -17.13
C GLY A 64 6.86 -3.16 -17.93
N SER A 65 7.91 -3.84 -17.46
CA SER A 65 8.47 -5.08 -18.06
C SER A 65 8.98 -6.00 -16.94
N GLY A 66 9.04 -7.29 -17.22
CA GLY A 66 9.39 -8.33 -16.23
C GLY A 66 10.14 -9.49 -16.86
N SER A 67 10.69 -10.35 -16.01
CA SER A 67 11.52 -11.53 -16.39
C SER A 67 11.39 -12.62 -15.32
N GLY A 68 10.15 -12.89 -14.88
CA GLY A 68 9.82 -13.95 -13.91
C GLY A 68 10.16 -13.54 -12.48
N THR A 69 11.42 -13.16 -12.23
CA THR A 69 11.95 -12.77 -10.89
C THR A 69 12.30 -11.29 -10.84
N ASP A 70 12.77 -10.69 -11.95
CA ASP A 70 13.16 -9.26 -12.02
C ASP A 70 12.12 -8.50 -12.85
N PHE A 71 11.60 -7.41 -12.27
CA PHE A 71 10.52 -6.55 -12.84
C PHE A 71 10.96 -5.09 -12.77
N THR A 72 10.69 -4.32 -13.82
CA THR A 72 11.04 -2.88 -13.90
C THR A 72 9.79 -2.07 -14.22
N LEU A 73 9.51 -1.05 -13.41
CA LEU A 73 8.60 0.07 -13.76
C LEU A 73 9.47 1.15 -14.40
N THR A 74 9.05 1.68 -15.54
CA THR A 74 9.81 2.70 -16.31
C THR A 74 8.85 3.82 -16.71
N ILE A 75 9.28 5.07 -16.51
CA ILE A 75 8.53 6.30 -16.90
C ILE A 75 9.44 7.12 -17.82
N SER A 76 9.02 7.34 -19.06
CA SER A 76 9.83 7.93 -20.17
C SER A 76 10.11 9.41 -19.89
N SER A 77 9.05 10.21 -19.69
CA SER A 77 9.11 11.68 -19.51
C SER A 77 8.27 12.11 -18.30
N LEU A 78 8.94 12.46 -17.19
CA LEU A 78 8.31 12.96 -15.94
C LEU A 78 7.47 14.21 -16.25
N GLN A 79 6.21 14.20 -15.81
CA GLN A 79 5.27 15.34 -15.90
C GLN A 79 5.20 15.99 -14.52
N PRO A 80 4.49 17.13 -14.35
CA PRO A 80 4.34 17.75 -13.02
C PRO A 80 3.85 16.79 -11.93
N GLU A 81 2.67 16.21 -12.10
CA GLU A 81 1.94 15.47 -11.03
C GLU A 81 2.49 14.04 -10.89
N ASP A 82 3.77 13.90 -10.53
CA ASP A 82 4.46 12.60 -10.30
C ASP A 82 5.28 12.66 -9.01
N PHE A 83 4.92 13.55 -8.08
CA PHE A 83 5.47 13.63 -6.70
C PHE A 83 4.87 12.51 -5.85
N ALA A 84 5.32 11.27 -6.07
CA ALA A 84 4.66 10.05 -5.55
C ALA A 84 5.68 9.01 -5.07
N THR A 85 5.29 8.18 -4.10
CA THR A 85 5.98 6.90 -3.75
C THR A 85 5.37 5.82 -4.64
N TYR A 86 6.21 4.90 -5.15
CA TYR A 86 5.82 3.85 -6.13
C TYR A 86 6.08 2.48 -5.49
N TYR A 87 5.05 1.66 -5.42
CA TYR A 87 5.08 0.29 -4.83
C TYR A 87 4.91 -0.74 -5.95
N CYS A 88 5.70 -1.81 -5.90
CA CYS A 88 5.51 -3.03 -6.71
C CYS A 88 4.71 -4.01 -5.83
N GLN A 89 3.94 -4.90 -6.45
CA GLN A 89 3.11 -5.92 -5.76
C GLN A 89 3.24 -7.22 -6.55
N GLN A 90 3.15 -8.37 -5.88
CA GLN A 90 2.90 -9.69 -6.52
C GLN A 90 1.55 -10.19 -6.02
N TYR A 91 0.69 -10.65 -6.92
CA TYR A 91 -0.68 -11.11 -6.59
C TYR A 91 -0.96 -12.51 -7.17
N SER A 92 0.10 -13.18 -7.64
CA SER A 92 0.06 -14.56 -8.17
C SER A 92 0.16 -15.56 -7.02
N ASN A 93 0.85 -15.19 -5.94
CA ASN A 93 1.07 -16.04 -4.74
C ASN A 93 0.54 -15.32 -3.50
N PHE A 94 -0.18 -16.05 -2.65
CA PHE A 94 -0.72 -15.52 -1.38
C PHE A 94 0.21 -15.99 -0.26
N PRO A 95 0.44 -15.16 0.78
CA PRO A 95 -0.17 -13.83 0.87
C PRO A 95 0.40 -12.86 -0.18
N ILE A 96 -0.44 -11.95 -0.68
CA ILE A 96 -0.03 -10.81 -1.55
C ILE A 96 1.04 -10.04 -0.79
N THR A 97 2.09 -9.59 -1.47
CA THR A 97 3.21 -8.84 -0.85
C THR A 97 3.58 -7.62 -1.70
N PHE A 98 4.06 -6.57 -1.03
CA PHE A 98 4.47 -5.28 -1.63
C PHE A 98 5.97 -5.05 -1.41
N GLY A 99 6.61 -4.31 -2.31
CA GLY A 99 7.93 -3.70 -2.06
C GLY A 99 7.80 -2.59 -1.04
N GLN A 100 8.93 -2.14 -0.48
CA GLN A 100 8.97 -1.05 0.54
C GLN A 100 8.75 0.31 -0.14
N GLY A 101 8.63 0.33 -1.46
CA GLY A 101 8.30 1.53 -2.25
C GLY A 101 9.53 2.32 -2.61
N THR A 102 9.44 3.22 -3.61
CA THR A 102 10.51 4.17 -3.99
C THR A 102 9.91 5.56 -4.13
N LYS A 103 10.37 6.51 -3.30
CA LYS A 103 9.93 7.93 -3.34
C LYS A 103 10.72 8.64 -4.45
N VAL A 104 10.01 9.25 -5.40
CA VAL A 104 10.61 10.01 -6.52
C VAL A 104 10.26 11.49 -6.36
N GLU A 105 11.30 12.33 -6.20
CA GLU A 105 11.21 13.76 -5.81
C GLU A 105 11.78 14.63 -6.92
N ILE A 106 10.96 15.53 -7.49
CA ILE A 106 11.28 16.34 -8.70
C ILE A 106 12.42 17.31 -8.37
N LYS A 107 13.50 17.28 -9.17
CA LYS A 107 14.72 18.12 -9.01
C LYS A 107 14.44 19.54 -9.53
N ARG A 108 15.16 20.51 -8.97
CA ARG A 108 15.08 21.95 -9.33
C ARG A 108 16.49 22.55 -9.28
N THR A 109 16.60 23.87 -9.45
CA THR A 109 17.83 24.65 -9.15
C THR A 109 17.99 24.66 -7.62
N VAL A 110 19.22 24.57 -7.12
CA VAL A 110 19.53 24.63 -5.66
C VAL A 110 18.99 25.96 -5.12
N ALA A 111 18.44 25.95 -3.92
CA ALA A 111 17.91 27.14 -3.22
C ALA A 111 18.40 27.11 -1.76
N ALA A 112 18.97 28.22 -1.29
CA ALA A 112 19.48 28.37 0.09
C ALA A 112 18.28 28.50 1.03
N PRO A 113 18.37 27.97 2.28
CA PRO A 113 17.32 28.17 3.27
C PRO A 113 17.29 29.60 3.80
N SER A 114 16.08 30.18 3.92
CA SER A 114 15.82 31.40 4.71
C SER A 114 15.58 30.99 6.16
N VAL A 115 16.56 31.24 7.04
CA VAL A 115 16.53 30.78 8.46
C VAL A 115 15.78 31.82 9.30
N PHE A 116 15.10 31.35 10.35
CA PHE A 116 14.34 32.13 11.35
C PHE A 116 14.42 31.42 12.70
N ILE A 117 14.34 32.17 13.80
CA ILE A 117 14.40 31.60 15.18
C ILE A 117 13.32 32.27 16.03
N PHE A 118 12.48 31.44 16.66
CA PHE A 118 11.35 31.85 17.54
C PHE A 118 11.67 31.44 18.97
N PRO A 119 11.71 32.39 19.92
CA PRO A 119 11.97 32.05 21.32
C PRO A 119 10.73 31.42 21.95
N PRO A 120 10.82 30.89 23.19
CA PRO A 120 9.66 30.35 23.90
C PRO A 120 8.64 31.45 24.19
N SER A 121 7.38 31.22 23.81
CA SER A 121 6.23 32.12 24.09
C SER A 121 6.20 32.51 25.57
N ASP A 122 5.48 33.60 25.89
CA ASP A 122 5.32 34.14 27.26
C ASP A 122 4.43 33.20 28.09
N GLU A 123 3.49 32.50 27.44
CA GLU A 123 2.43 31.70 28.12
C GLU A 123 2.90 30.25 28.34
N GLN A 124 3.78 29.73 27.48
CA GLN A 124 4.29 28.33 27.57
C GLN A 124 5.08 28.15 28.88
N LEU A 125 5.89 29.15 29.26
CA LEU A 125 6.82 29.07 30.43
C LEU A 125 6.04 29.25 31.75
N LYS A 126 4.72 29.46 31.70
CA LYS A 126 3.83 29.42 32.89
C LYS A 126 3.67 27.97 33.38
N SER A 127 3.61 27.01 32.44
CA SER A 127 3.50 25.55 32.72
C SER A 127 4.90 24.95 32.96
N GLY A 128 5.96 25.74 32.79
CA GLY A 128 7.33 25.43 33.22
C GLY A 128 8.13 24.68 32.17
N THR A 129 7.80 24.87 30.89
CA THR A 129 8.50 24.27 29.72
C THR A 129 8.79 25.39 28.71
N ALA A 130 9.78 25.21 27.84
CA ALA A 130 10.25 26.24 26.88
C ALA A 130 10.72 25.58 25.58
N SER A 131 10.08 25.91 24.46
CA SER A 131 10.37 25.37 23.11
C SER A 131 10.96 26.47 22.23
N VAL A 132 12.24 26.33 21.88
CA VAL A 132 13.00 27.27 21.00
C VAL A 132 12.95 26.73 19.58
N VAL A 133 12.12 27.31 18.73
CA VAL A 133 11.84 26.81 17.35
C VAL A 133 12.77 27.53 16.37
N CYS A 134 13.30 26.79 15.40
CA CYS A 134 14.16 27.32 14.31
C CYS A 134 13.63 26.84 12.95
N LEU A 135 13.09 27.76 12.14
CA LEU A 135 12.56 27.47 10.79
C LEU A 135 13.70 27.55 9.78
N LEU A 136 13.78 26.56 8.88
CA LEU A 136 14.55 26.59 7.62
C LEU A 136 13.55 26.56 6.47
N ASN A 137 13.43 27.63 5.68
CA ASN A 137 12.27 27.81 4.75
C ASN A 137 12.73 27.67 3.29
N ASN A 138 11.97 26.91 2.49
CA ASN A 138 12.06 26.78 1.01
C ASN A 138 13.52 26.63 0.57
N PHE A 139 14.10 25.43 0.72
CA PHE A 139 15.49 25.09 0.29
C PHE A 139 15.46 23.76 -0.47
N TYR A 140 16.52 23.51 -1.25
CA TYR A 140 16.72 22.26 -2.05
C TYR A 140 18.20 22.04 -2.31
N PRO A 141 18.78 20.84 -2.04
CA PRO A 141 18.01 19.64 -1.66
C PRO A 141 17.70 19.52 -0.15
N ARG A 142 17.00 18.44 0.23
CA ARG A 142 16.47 18.19 1.60
C ARG A 142 17.62 18.12 2.61
N GLU A 143 18.73 17.50 2.21
CA GLU A 143 19.96 17.34 3.04
C GLU A 143 20.30 18.70 3.66
N ALA A 144 20.34 18.81 4.98
CA ALA A 144 20.59 20.07 5.73
C ALA A 144 20.88 19.76 7.21
N LYS A 145 21.97 20.33 7.75
CA LYS A 145 22.40 20.19 9.17
C LYS A 145 21.93 21.41 9.96
N VAL A 146 21.33 21.21 11.13
CA VAL A 146 20.86 22.28 12.05
C VAL A 146 21.49 22.07 13.43
N GLN A 147 22.46 22.89 13.80
CA GLN A 147 23.15 22.85 15.11
C GLN A 147 22.49 23.85 16.05
N TRP A 148 22.21 23.44 17.29
CA TRP A 148 21.59 24.27 18.34
C TRP A 148 22.68 24.72 19.32
N LYS A 149 22.85 26.03 19.47
CA LYS A 149 23.94 26.62 20.30
C LYS A 149 23.31 27.45 21.43
N VAL A 150 23.78 27.23 22.66
CA VAL A 150 23.31 27.92 23.90
C VAL A 150 24.57 28.36 24.68
N ASP A 151 24.88 29.67 24.65
CA ASP A 151 26.10 30.27 25.22
C ASP A 151 27.34 29.65 24.56
N ASN A 152 27.31 29.50 23.22
CA ASN A 152 28.41 29.01 22.36
C ASN A 152 28.84 27.60 22.80
N ALA A 153 27.88 26.80 23.26
CA ALA A 153 28.04 25.37 23.63
C ALA A 153 27.03 24.55 22.83
N LEU A 154 27.51 23.53 22.11
CA LEU A 154 26.67 22.67 21.22
C LEU A 154 25.74 21.81 22.08
N GLN A 155 24.46 21.76 21.71
CA GLN A 155 23.41 20.95 22.39
C GLN A 155 23.33 19.58 21.71
N SER A 156 22.94 18.55 22.47
CA SER A 156 22.73 17.16 21.96
C SER A 156 21.55 16.51 22.70
N GLY A 157 20.67 15.84 21.93
CA GLY A 157 19.56 15.01 22.45
C GLY A 157 18.50 15.83 23.18
N ASN A 158 18.22 17.04 22.72
CA ASN A 158 17.10 17.87 23.24
C ASN A 158 16.52 18.75 22.11
N SER A 159 16.58 18.28 20.86
CA SER A 159 15.98 18.94 19.67
C SER A 159 15.48 17.88 18.68
N GLN A 160 14.31 18.13 18.07
CA GLN A 160 13.68 17.24 17.05
C GLN A 160 13.45 18.05 15.76
N GLU A 161 13.91 17.53 14.63
CA GLU A 161 13.64 18.07 13.27
C GLU A 161 12.33 17.47 12.75
N SER A 162 11.64 18.20 11.87
CA SER A 162 10.46 17.72 11.10
C SER A 162 10.43 18.45 9.77
N VAL A 163 10.46 17.70 8.66
CA VAL A 163 10.57 18.23 7.27
C VAL A 163 9.24 18.05 6.55
N THR A 164 8.77 19.10 5.87
CA THR A 164 7.58 19.04 4.99
C THR A 164 7.96 18.26 3.72
N GLU A 165 6.95 17.87 2.94
CA GLU A 165 7.13 17.32 1.56
C GLU A 165 7.53 18.47 0.62
N GLN A 166 7.86 18.15 -0.64
CA GLN A 166 8.25 19.15 -1.66
C GLN A 166 7.04 20.06 -1.96
N ASP A 167 7.27 21.36 -2.06
CA ASP A 167 6.24 22.42 -2.20
C ASP A 167 5.51 22.28 -3.55
N SER A 168 4.23 22.65 -3.55
CA SER A 168 3.29 22.59 -4.70
C SER A 168 3.88 23.34 -5.90
N LYS A 169 4.34 24.57 -5.66
CA LYS A 169 4.75 25.55 -6.70
C LYS A 169 6.22 25.30 -7.11
N ASP A 170 7.13 25.25 -6.13
CA ASP A 170 8.58 25.51 -6.34
C ASP A 170 9.46 24.32 -5.95
N SER A 171 8.89 23.21 -5.45
CA SER A 171 9.60 21.92 -5.20
C SER A 171 10.72 22.11 -4.16
N THR A 172 10.55 23.03 -3.22
CA THR A 172 11.49 23.31 -2.10
C THR A 172 10.95 22.70 -0.81
N TYR A 173 11.81 22.07 0.00
CA TYR A 173 11.51 21.59 1.38
C TYR A 173 11.64 22.75 2.36
N SER A 174 10.93 22.65 3.48
CA SER A 174 11.14 23.49 4.69
C SER A 174 11.32 22.55 5.89
N LEU A 175 11.99 23.03 6.93
CA LEU A 175 12.36 22.23 8.12
C LEU A 175 12.14 23.08 9.38
N SER A 176 11.49 22.50 10.38
CA SER A 176 11.35 23.03 11.75
C SER A 176 12.21 22.19 12.68
N SER A 177 13.07 22.81 13.47
CA SER A 177 13.85 22.15 14.55
C SER A 177 13.41 22.77 15.88
N THR A 178 13.07 21.94 16.87
CA THR A 178 12.46 22.38 18.15
C THR A 178 13.35 21.94 19.31
N LEU A 179 14.23 22.84 19.77
CA LEU A 179 15.00 22.69 21.02
C LEU A 179 14.01 22.83 22.19
N THR A 180 13.91 21.80 23.04
CA THR A 180 13.00 21.78 24.22
C THR A 180 13.85 21.62 25.48
N LEU A 181 13.51 22.34 26.55
CA LEU A 181 14.16 22.21 27.89
C LEU A 181 13.31 22.94 28.95
N SER A 182 13.57 22.64 30.23
CA SER A 182 12.81 23.13 31.40
C SER A 182 12.95 24.65 31.55
N LYS A 183 12.07 25.26 32.35
CA LYS A 183 12.20 26.67 32.80
C LYS A 183 13.52 26.80 33.57
N ALA A 184 13.84 25.80 34.39
CA ALA A 184 15.07 25.72 35.22
C ALA A 184 16.31 25.79 34.32
N ASP A 185 16.29 25.09 33.19
CA ASP A 185 17.41 25.01 32.21
C ASP A 185 17.43 26.26 31.31
N TYR A 186 16.26 26.84 31.02
CA TYR A 186 16.11 27.98 30.09
C TYR A 186 16.58 29.28 30.76
N GLU A 187 16.17 29.51 32.01
CA GLU A 187 16.43 30.77 32.77
C GLU A 187 17.91 30.86 33.18
N LYS A 188 18.66 29.75 33.09
CA LYS A 188 20.12 29.70 33.43
C LYS A 188 20.93 30.44 32.36
N HIS A 189 20.73 30.09 31.08
CA HIS A 189 21.55 30.55 29.93
C HIS A 189 20.97 31.84 29.34
N LYS A 190 21.78 32.56 28.56
CA LYS A 190 21.50 33.93 28.05
C LYS A 190 21.25 33.90 26.54
N VAL A 191 22.22 33.37 25.77
CA VAL A 191 22.24 33.35 24.28
C VAL A 191 21.62 32.04 23.78
N TYR A 192 20.81 32.13 22.71
CA TYR A 192 20.18 30.97 22.01
C TYR A 192 20.32 31.18 20.49
N ALA A 193 21.07 30.28 19.83
CA ALA A 193 21.49 30.41 18.43
C ALA A 193 21.24 29.11 17.67
N CYS A 194 20.82 29.24 16.40
CA CYS A 194 20.49 28.15 15.46
C CYS A 194 21.44 28.24 14.25
N GLU A 195 22.41 27.33 14.15
CA GLU A 195 23.43 27.33 13.07
C GLU A 195 23.02 26.33 11.99
N VAL A 196 22.97 26.79 10.73
CA VAL A 196 22.43 26.04 9.56
C VAL A 196 23.53 25.95 8.49
N THR A 197 23.59 24.82 7.79
CA THR A 197 24.60 24.53 6.73
C THR A 197 23.91 23.80 5.57
N HIS A 198 24.23 24.20 4.33
CA HIS A 198 23.52 23.77 3.10
C HIS A 198 24.43 23.99 1.88
N GLN A 199 24.14 23.32 0.76
CA GLN A 199 24.92 23.43 -0.52
C GLN A 199 24.56 24.74 -1.24
N GLY A 200 23.52 25.44 -0.78
CA GLY A 200 23.11 26.77 -1.29
C GLY A 200 23.78 27.89 -0.50
N LEU A 201 24.43 27.57 0.61
CA LEU A 201 25.16 28.53 1.48
C LEU A 201 26.67 28.36 1.29
N SER A 202 27.41 29.46 1.32
CA SER A 202 28.90 29.51 1.18
C SER A 202 29.57 29.06 2.49
N SER A 203 28.94 29.36 3.64
CA SER A 203 29.40 28.97 5.00
C SER A 203 28.21 28.79 5.92
N PRO A 204 28.40 28.25 7.15
CA PRO A 204 27.32 28.18 8.14
C PRO A 204 26.66 29.53 8.43
N VAL A 205 25.32 29.58 8.43
CA VAL A 205 24.49 30.77 8.75
C VAL A 205 23.83 30.57 10.11
N THR A 206 24.10 31.47 11.06
CA THR A 206 23.53 31.47 12.43
C THR A 206 22.47 32.57 12.53
N LYS A 207 21.28 32.20 13.03
CA LYS A 207 20.27 33.13 13.59
C LYS A 207 20.27 32.95 15.11
N SER A 208 19.95 34.02 15.86
CA SER A 208 20.22 34.12 17.32
C SER A 208 19.18 35.03 17.99
N PHE A 209 19.10 34.95 19.32
CA PHE A 209 18.34 35.90 20.19
C PHE A 209 18.86 35.78 21.63
N ASN A 210 18.53 36.78 22.46
CA ASN A 210 18.87 36.86 23.91
C ASN A 210 17.59 37.20 24.68
N ARG A 211 17.37 36.53 25.82
CA ARG A 211 16.17 36.70 26.68
C ARG A 211 16.02 38.17 27.08
N GLN B 3 -16.53 3.95 -6.26
CA GLN B 3 -15.96 4.46 -4.97
C GLN B 3 -16.22 3.43 -3.86
N LEU B 4 -15.22 3.22 -3.01
CA LEU B 4 -15.25 2.41 -1.77
C LEU B 4 -15.09 3.34 -0.57
N VAL B 5 -16.07 3.41 0.32
CA VAL B 5 -16.03 4.35 1.48
C VAL B 5 -15.87 3.53 2.75
N GLU B 6 -14.82 3.81 3.53
CA GLU B 6 -14.54 3.08 4.80
C GLU B 6 -15.06 3.89 5.98
N SER B 7 -15.28 3.19 7.08
CA SER B 7 -15.69 3.75 8.39
C SER B 7 -15.28 2.76 9.47
N GLY B 8 -15.30 3.17 10.73
CA GLY B 8 -15.11 2.27 11.88
C GLY B 8 -13.79 2.50 12.60
N GLY B 9 -12.89 3.30 12.01
CA GLY B 9 -11.54 3.56 12.56
C GLY B 9 -11.59 4.25 13.90
N GLY B 10 -10.47 4.83 14.36
CA GLY B 10 -10.38 5.54 15.65
C GLY B 10 -9.42 4.89 16.61
N LEU B 11 -9.44 5.38 17.86
CA LEU B 11 -8.54 5.01 18.98
C LEU B 11 -9.19 3.90 19.80
N VAL B 12 -8.40 2.91 20.22
CA VAL B 12 -8.88 1.70 20.94
C VAL B 12 -7.76 1.16 21.82
N GLN B 13 -8.12 0.65 22.99
CA GLN B 13 -7.20 0.06 23.98
C GLN B 13 -6.52 -1.16 23.38
N PRO B 14 -5.27 -1.48 23.76
CA PRO B 14 -4.70 -2.80 23.47
C PRO B 14 -5.58 -3.93 24.04
N GLY B 15 -5.78 -4.98 23.26
CA GLY B 15 -6.67 -6.10 23.60
C GLY B 15 -8.10 -5.88 23.13
N GLY B 16 -8.45 -4.63 22.81
CA GLY B 16 -9.79 -4.20 22.38
C GLY B 16 -10.24 -4.77 21.04
N SER B 17 -11.49 -4.47 20.66
CA SER B 17 -12.15 -4.89 19.40
C SER B 17 -12.59 -3.65 18.61
N LEU B 18 -12.54 -3.75 17.28
CA LEU B 18 -12.98 -2.70 16.35
C LEU B 18 -13.45 -3.35 15.05
N ARG B 19 -14.61 -2.93 14.50
CA ARG B 19 -15.13 -3.42 13.20
C ARG B 19 -15.02 -2.30 12.16
N LEU B 20 -14.26 -2.56 11.10
CA LEU B 20 -14.12 -1.63 9.95
C LEU B 20 -15.09 -2.06 8.86
N SER B 21 -15.73 -1.09 8.23
CA SER B 21 -16.67 -1.27 7.09
C SER B 21 -16.03 -0.75 5.81
N CYS B 22 -16.40 -1.36 4.69
CA CYS B 22 -16.03 -0.94 3.32
C CYS B 22 -17.30 -0.99 2.47
N ALA B 23 -18.05 0.11 2.42
CA ALA B 23 -19.28 0.27 1.59
C ALA B 23 -18.86 0.56 0.15
N ALA B 24 -19.39 -0.20 -0.81
CA ALA B 24 -19.14 -0.06 -2.26
C ALA B 24 -20.28 0.71 -2.92
N SER B 25 -19.96 1.67 -3.80
CA SER B 25 -20.91 2.39 -4.69
C SER B 25 -20.47 2.24 -6.15
N GLY B 26 -21.42 2.01 -7.05
CA GLY B 26 -21.20 1.99 -8.51
C GLY B 26 -20.88 0.60 -9.04
N PHE B 27 -20.79 -0.41 -8.16
CA PHE B 27 -20.63 -1.83 -8.54
C PHE B 27 -21.08 -2.72 -7.37
N THR B 28 -21.50 -3.96 -7.66
CA THR B 28 -21.89 -4.99 -6.67
C THR B 28 -20.66 -5.82 -6.29
N ILE B 29 -20.39 -5.96 -5.00
CA ILE B 29 -19.16 -6.61 -4.45
C ILE B 29 -19.20 -8.12 -4.73
N ASN B 30 -20.40 -8.67 -4.93
CA ASN B 30 -20.63 -10.11 -5.24
C ASN B 30 -19.69 -10.58 -6.34
N GLY B 31 -19.45 -9.76 -7.37
CA GLY B 31 -18.60 -10.13 -8.51
C GLY B 31 -17.10 -9.94 -8.25
N TYR B 32 -16.71 -9.50 -7.05
CA TYR B 32 -15.31 -9.12 -6.76
C TYR B 32 -14.85 -9.88 -5.52
N SER B 33 -13.54 -9.82 -5.23
CA SER B 33 -13.01 -9.96 -3.87
C SER B 33 -12.78 -8.57 -3.29
N ILE B 34 -12.98 -8.41 -1.99
CA ILE B 34 -12.56 -7.20 -1.22
C ILE B 34 -11.35 -7.59 -0.40
N HIS B 35 -10.23 -6.92 -0.65
CA HIS B 35 -8.94 -7.05 0.08
C HIS B 35 -8.86 -5.91 1.08
N TRP B 36 -8.15 -6.13 2.17
CA TRP B 36 -7.83 -5.13 3.21
C TRP B 36 -6.30 -5.00 3.26
N VAL B 37 -5.79 -3.78 3.14
CA VAL B 37 -4.33 -3.47 3.09
C VAL B 37 -4.07 -2.37 4.12
N ARG B 38 -3.15 -2.61 5.05
CA ARG B 38 -2.85 -1.61 6.11
C ARG B 38 -1.47 -1.00 5.87
N GLN B 39 -1.28 0.24 6.31
CA GLN B 39 -0.01 0.98 6.22
C GLN B 39 0.29 1.55 7.61
N ALA B 40 1.21 0.92 8.35
CA ALA B 40 1.70 1.40 9.65
C ALA B 40 2.21 2.83 9.47
N PRO B 41 2.16 3.68 10.52
CA PRO B 41 2.73 5.03 10.45
C PRO B 41 4.16 5.00 9.88
N GLY B 42 4.37 5.69 8.77
CA GLY B 42 5.66 5.92 8.10
C GLY B 42 6.28 4.66 7.51
N LYS B 43 5.51 3.58 7.33
CA LYS B 43 6.01 2.33 6.71
C LYS B 43 5.26 2.07 5.40
N GLY B 44 5.47 0.89 4.81
CA GLY B 44 4.89 0.51 3.51
C GLY B 44 3.50 -0.09 3.67
N LEU B 45 3.05 -0.76 2.60
CA LEU B 45 1.74 -1.44 2.52
C LEU B 45 1.94 -2.89 2.97
N GLU B 46 1.02 -3.39 3.78
CA GLU B 46 0.95 -4.81 4.21
C GLU B 46 -0.45 -5.33 3.86
N TRP B 47 -0.51 -6.49 3.23
CA TRP B 47 -1.78 -7.17 2.87
C TRP B 47 -2.36 -7.84 4.11
N VAL B 48 -3.59 -7.53 4.48
CA VAL B 48 -4.22 -8.08 5.73
C VAL B 48 -4.97 -9.38 5.39
N ALA B 49 -5.93 -9.31 4.47
CA ALA B 49 -6.91 -10.37 4.20
C ALA B 49 -7.74 -10.03 2.96
N ARG B 50 -8.47 -11.01 2.44
CA ARG B 50 -9.42 -10.81 1.33
C ARG B 50 -10.58 -11.79 1.48
N ILE B 51 -11.76 -11.39 1.01
CA ILE B 51 -12.97 -12.25 0.95
C ILE B 51 -13.55 -12.14 -0.46
N TRP B 52 -14.01 -13.27 -1.00
CA TRP B 52 -14.96 -13.34 -2.15
C TRP B 52 -16.35 -13.45 -1.55
N PRO B 53 -17.17 -12.36 -1.54
CA PRO B 53 -18.50 -12.45 -0.96
C PRO B 53 -19.27 -13.64 -1.53
N TYR B 54 -19.31 -13.78 -2.86
CA TYR B 54 -20.09 -14.85 -3.53
C TYR B 54 -19.76 -16.19 -2.88
N GLY B 55 -18.59 -16.75 -3.16
CA GLY B 55 -18.14 -18.05 -2.60
C GLY B 55 -18.05 -18.04 -1.08
N GLY B 56 -17.82 -16.89 -0.47
CA GLY B 56 -17.53 -16.76 0.98
C GLY B 56 -16.11 -17.19 1.30
N PHE B 57 -15.24 -17.29 0.29
CA PHE B 57 -13.82 -17.67 0.45
C PHE B 57 -13.05 -16.56 1.17
N THR B 58 -12.36 -16.91 2.27
CA THR B 58 -11.54 -15.99 3.08
C THR B 58 -10.08 -16.44 3.08
N TYR B 59 -9.15 -15.49 3.16
CA TYR B 59 -7.69 -15.72 3.22
C TYR B 59 -7.06 -14.60 4.05
N TYR B 60 -6.27 -14.98 5.06
CA TYR B 60 -5.66 -14.04 6.05
C TYR B 60 -4.15 -14.18 6.00
N ALA B 61 -3.44 -13.06 6.18
CA ALA B 61 -2.03 -12.99 6.59
C ALA B 61 -1.87 -13.69 7.94
N ASP B 62 -0.69 -14.23 8.23
CA ASP B 62 -0.40 -15.00 9.48
C ASP B 62 -0.44 -14.07 10.69
N SER B 63 -0.07 -12.80 10.52
CA SER B 63 -0.06 -11.77 11.61
C SER B 63 -1.48 -11.46 12.10
N VAL B 64 -2.54 -11.78 11.35
CA VAL B 64 -3.95 -11.43 11.73
C VAL B 64 -4.86 -12.66 11.74
N LYS B 65 -4.36 -13.82 11.34
CA LYS B 65 -5.18 -15.07 11.29
C LYS B 65 -5.54 -15.49 12.72
N GLY B 66 -6.80 -15.90 12.93
CA GLY B 66 -7.36 -16.16 14.27
C GLY B 66 -7.91 -14.90 14.93
N ARG B 67 -7.14 -13.80 14.93
CA ARG B 67 -7.46 -12.54 15.63
C ARG B 67 -8.47 -11.70 14.84
N PHE B 68 -8.31 -11.61 13.52
CA PHE B 68 -9.19 -10.80 12.64
C PHE B 68 -10.15 -11.75 11.92
N THR B 69 -11.36 -11.26 11.66
CA THR B 69 -12.40 -11.96 10.85
C THR B 69 -12.89 -11.00 9.75
N ILE B 70 -12.66 -11.37 8.49
CA ILE B 70 -13.19 -10.67 7.28
C ILE B 70 -14.53 -11.32 6.91
N SER B 71 -15.50 -10.50 6.52
CA SER B 71 -16.86 -10.93 6.12
C SER B 71 -17.42 -9.90 5.13
N ALA B 72 -18.58 -10.21 4.57
CA ALA B 72 -19.26 -9.37 3.56
C ALA B 72 -20.77 -9.60 3.68
N ASP B 73 -21.54 -8.52 3.55
CA ASP B 73 -23.02 -8.56 3.45
C ASP B 73 -23.37 -8.03 2.06
N THR B 74 -23.60 -8.91 1.10
CA THR B 74 -23.91 -8.54 -0.31
C THR B 74 -25.18 -7.69 -0.35
N SER B 75 -26.13 -7.93 0.57
CA SER B 75 -27.41 -7.18 0.66
C SER B 75 -27.14 -5.72 1.02
N LYS B 76 -26.04 -5.44 1.72
CA LYS B 76 -25.62 -4.08 2.14
C LYS B 76 -24.46 -3.58 1.27
N ASN B 77 -24.16 -4.29 0.20
CA ASN B 77 -23.02 -4.04 -0.73
C ASN B 77 -21.78 -3.59 0.07
N THR B 78 -21.51 -4.24 1.20
CA THR B 78 -20.52 -3.79 2.20
C THR B 78 -19.67 -4.97 2.68
N ALA B 79 -18.38 -4.71 2.91
CA ALA B 79 -17.40 -5.69 3.42
C ALA B 79 -16.92 -5.22 4.78
N TYR B 80 -16.52 -6.16 5.64
CA TYR B 80 -16.11 -5.88 7.04
C TYR B 80 -14.77 -6.53 7.36
N LEU B 81 -13.99 -5.86 8.21
CA LEU B 81 -12.87 -6.47 8.96
C LEU B 81 -13.15 -6.33 10.47
N GLN B 82 -13.59 -7.40 11.12
CA GLN B 82 -13.69 -7.46 12.59
C GLN B 82 -12.31 -7.75 13.17
N MET B 83 -11.79 -6.84 13.99
CA MET B 83 -10.43 -6.92 14.56
C MET B 83 -10.53 -7.15 16.07
N ASN B 84 -9.91 -8.21 16.57
CA ASN B 84 -9.95 -8.57 18.02
C ASN B 84 -8.52 -8.74 18.49
N SER B 85 -8.29 -8.68 19.80
CA SER B 85 -6.95 -8.79 20.44
C SER B 85 -6.01 -7.81 19.74
N LEU B 86 -6.34 -6.52 19.75
CA LEU B 86 -5.59 -5.51 18.97
C LEU B 86 -4.29 -5.15 19.70
N ARG B 87 -3.21 -4.98 18.93
CA ARG B 87 -1.84 -4.68 19.43
C ARG B 87 -1.40 -3.32 18.89
N ALA B 88 -0.46 -2.66 19.57
CA ALA B 88 0.27 -1.46 19.07
C ALA B 88 0.68 -1.67 17.61
N GLU B 89 1.09 -2.89 17.26
CA GLU B 89 1.51 -3.34 15.90
C GLU B 89 0.37 -3.19 14.88
N ASP B 90 -0.88 -3.27 15.31
CA ASP B 90 -2.07 -3.17 14.41
C ASP B 90 -2.41 -1.70 14.14
N THR B 91 -1.71 -0.75 14.79
CA THR B 91 -1.87 0.70 14.53
C THR B 91 -1.48 0.92 13.06
N ALA B 92 -2.37 1.50 12.26
CA ALA B 92 -2.17 1.71 10.82
C ALA B 92 -3.38 2.41 10.19
N VAL B 93 -3.17 2.94 8.99
CA VAL B 93 -4.29 3.32 8.08
C VAL B 93 -4.68 2.03 7.37
N TYR B 94 -5.97 1.69 7.40
CA TYR B 94 -6.53 0.46 6.79
C TYR B 94 -7.28 0.89 5.52
N TYR B 95 -6.87 0.36 4.37
CA TYR B 95 -7.55 0.55 3.06
C TYR B 95 -8.28 -0.73 2.70
N CYS B 96 -9.41 -0.62 2.02
CA CYS B 96 -10.02 -1.76 1.30
C CYS B 96 -9.90 -1.50 -0.19
N ALA B 97 -9.80 -2.56 -0.99
CA ALA B 97 -9.64 -2.48 -2.45
C ALA B 97 -10.38 -3.65 -3.08
N ARG B 98 -10.90 -3.45 -4.30
CA ARG B 98 -11.62 -4.52 -5.04
C ARG B 98 -10.63 -5.27 -5.92
N PHE B 99 -10.98 -6.50 -6.31
CA PHE B 99 -10.14 -7.34 -7.19
C PHE B 99 -11.05 -8.25 -8.01
N ASN B 100 -10.81 -8.24 -9.32
CA ASN B 100 -11.44 -9.15 -10.30
C ASN B 100 -10.42 -9.37 -11.43
N GLY B 101 -9.96 -10.61 -11.59
CA GLY B 101 -8.98 -10.99 -12.63
C GLY B 101 -9.55 -10.84 -14.03
N TYR B 102 -10.79 -11.31 -14.23
CA TYR B 102 -11.40 -11.52 -15.58
C TYR B 102 -11.58 -10.18 -16.31
N TRP B 103 -11.54 -9.05 -15.61
CA TRP B 103 -11.79 -7.71 -16.22
C TRP B 103 -10.68 -6.71 -15.89
N ASN B 104 -9.52 -7.19 -15.42
CA ASN B 104 -8.29 -6.37 -15.26
C ASN B 104 -8.53 -5.29 -14.20
N TYR B 105 -9.28 -5.63 -13.15
CA TYR B 105 -9.55 -4.76 -11.98
C TYR B 105 -8.68 -5.26 -10.84
N ILE B 106 -7.40 -4.93 -10.90
CA ILE B 106 -6.31 -5.47 -10.04
C ILE B 106 -6.05 -4.46 -8.93
N MET B 107 -6.92 -4.44 -7.92
CA MET B 107 -6.97 -3.41 -6.86
C MET B 107 -6.91 -2.05 -7.55
N ASP B 108 -7.88 -1.81 -8.44
CA ASP B 108 -8.00 -0.57 -9.27
C ASP B 108 -8.74 0.50 -8.46
N TYR B 109 -9.68 0.11 -7.59
CA TYR B 109 -10.37 1.01 -6.64
C TYR B 109 -9.89 0.72 -5.22
N TRP B 110 -9.61 1.78 -4.46
CA TRP B 110 -9.22 1.75 -3.02
C TRP B 110 -10.12 2.73 -2.27
N GLY B 111 -10.44 2.43 -1.02
CA GLY B 111 -11.12 3.38 -0.13
C GLY B 111 -10.20 4.53 0.27
N GLN B 112 -10.77 5.57 0.87
CA GLN B 112 -10.03 6.75 1.38
C GLN B 112 -9.05 6.31 2.49
N GLY B 113 -9.35 5.23 3.19
CA GLY B 113 -8.53 4.77 4.34
C GLY B 113 -9.09 5.31 5.64
N THR B 114 -8.89 4.59 6.75
CA THR B 114 -9.36 4.97 8.10
C THR B 114 -8.26 4.67 9.11
N LEU B 115 -7.91 5.64 9.96
CA LEU B 115 -6.80 5.51 10.93
C LEU B 115 -7.29 4.69 12.14
N VAL B 116 -6.59 3.59 12.42
CA VAL B 116 -6.78 2.75 13.63
C VAL B 116 -5.51 2.93 14.48
N THR B 117 -5.65 3.63 15.60
CA THR B 117 -4.58 3.82 16.62
C THR B 117 -4.87 2.87 17.78
N VAL B 118 -3.94 1.97 18.12
CA VAL B 118 -4.06 1.07 19.30
C VAL B 118 -3.17 1.63 20.42
N SER B 119 -3.78 2.16 21.48
CA SER B 119 -3.07 2.83 22.59
C SER B 119 -3.92 2.83 23.86
N SER B 120 -3.26 2.81 25.00
CA SER B 120 -3.89 2.97 26.34
C SER B 120 -3.77 4.42 26.79
N ALA B 121 -3.15 5.28 25.97
CA ALA B 121 -3.00 6.73 26.24
C ALA B 121 -4.35 7.42 26.14
N SER B 122 -4.66 8.29 27.10
CA SER B 122 -5.89 9.12 27.11
C SER B 122 -5.79 10.15 25.99
N THR B 123 -6.91 10.46 25.34
CA THR B 123 -7.00 11.60 24.37
C THR B 123 -6.67 12.88 25.14
N LYS B 124 -5.96 13.80 24.51
CA LYS B 124 -5.59 15.08 25.17
C LYS B 124 -5.59 16.18 24.10
N GLY B 125 -6.33 17.26 24.38
CA GLY B 125 -6.33 18.47 23.54
C GLY B 125 -4.94 19.10 23.51
N PRO B 126 -4.54 19.72 22.38
CA PRO B 126 -3.26 20.44 22.31
C PRO B 126 -3.28 21.74 23.13
N SER B 127 -2.09 22.19 23.52
CA SER B 127 -1.80 23.55 24.02
C SER B 127 -1.18 24.34 22.86
N VAL B 128 -1.89 25.34 22.33
CA VAL B 128 -1.39 26.12 21.16
C VAL B 128 -0.67 27.37 21.69
N PHE B 129 0.57 27.54 21.25
CA PHE B 129 1.49 28.64 21.67
C PHE B 129 1.98 29.37 20.43
N PRO B 130 2.06 30.73 20.46
CA PRO B 130 2.42 31.49 19.27
C PRO B 130 3.93 31.47 18.99
N LEU B 131 4.30 31.58 17.71
CA LEU B 131 5.69 31.80 17.24
C LEU B 131 5.79 33.20 16.64
N ALA B 132 6.27 34.16 17.44
CA ALA B 132 6.43 35.60 17.10
C ALA B 132 7.83 35.85 16.55
N PRO B 133 7.97 36.70 15.51
CA PRO B 133 9.29 37.10 15.01
C PRO B 133 10.00 38.12 15.91
N SER B 134 11.31 37.94 16.09
CA SER B 134 12.19 38.78 16.95
C SER B 134 12.86 39.87 16.10
N GLY B 141 12.19 41.58 1.88
CA GLY B 141 11.84 41.97 3.27
C GLY B 141 10.66 41.18 3.81
N THR B 142 10.76 39.85 3.81
CA THR B 142 9.73 38.91 4.35
C THR B 142 10.10 38.53 5.78
N ALA B 143 9.07 38.35 6.63
CA ALA B 143 9.18 37.89 8.03
C ALA B 143 8.39 36.58 8.19
N ALA B 144 8.76 35.77 9.17
CA ALA B 144 8.10 34.48 9.49
C ALA B 144 7.40 34.58 10.85
N LEU B 145 6.18 34.05 10.94
CA LEU B 145 5.48 33.77 12.22
C LEU B 145 4.70 32.46 12.07
N GLY B 146 4.33 31.85 13.20
CA GLY B 146 3.59 30.58 13.23
C GLY B 146 3.00 30.32 14.60
N CYS B 147 2.48 29.11 14.82
CA CYS B 147 2.11 28.61 16.16
C CYS B 147 2.56 27.16 16.34
N LEU B 148 2.91 26.83 17.58
CA LEU B 148 3.38 25.51 18.06
C LEU B 148 2.19 24.80 18.70
N VAL B 149 1.73 23.70 18.09
CA VAL B 149 0.63 22.83 18.62
C VAL B 149 1.27 21.70 19.42
N LYS B 150 1.18 21.75 20.75
CA LYS B 150 2.00 20.89 21.64
C LYS B 150 1.11 20.00 22.50
N ASP B 151 1.61 18.78 22.75
CA ASP B 151 1.17 17.84 23.81
C ASP B 151 -0.27 17.39 23.55
N TYR B 152 -0.51 16.77 22.39
CA TYR B 152 -1.83 16.24 21.98
C TYR B 152 -1.71 14.76 21.60
N PHE B 153 -2.81 14.01 21.76
CA PHE B 153 -2.96 12.58 21.42
C PHE B 153 -4.44 12.24 21.24
N PRO B 154 -4.83 11.39 20.26
CA PRO B 154 -3.93 10.94 19.19
C PRO B 154 -3.83 11.97 18.04
N GLU B 155 -3.07 11.63 16.99
CA GLU B 155 -3.21 12.27 15.65
C GLU B 155 -4.60 11.97 15.12
N PRO B 156 -5.14 12.74 14.15
CA PRO B 156 -4.48 13.92 13.59
C PRO B 156 -4.94 15.23 14.24
N VAL B 157 -4.15 16.28 14.03
CA VAL B 157 -4.56 17.69 14.24
C VAL B 157 -4.59 18.38 12.87
N THR B 158 -5.43 19.40 12.71
CA THR B 158 -5.47 20.27 11.51
C THR B 158 -5.25 21.71 11.95
N VAL B 159 -4.45 22.44 11.17
CA VAL B 159 -4.17 23.88 11.35
C VAL B 159 -4.62 24.62 10.08
N SER B 160 -5.21 25.79 10.24
CA SER B 160 -5.49 26.75 9.13
C SER B 160 -5.10 28.16 9.61
N TRP B 161 -4.93 29.10 8.67
CA TRP B 161 -4.50 30.50 8.98
C TRP B 161 -5.60 31.48 8.58
N ASN B 162 -5.99 32.35 9.52
CA ASN B 162 -7.06 33.36 9.34
C ASN B 162 -8.30 32.67 8.73
N SER B 163 -8.71 31.58 9.37
CA SER B 163 -9.95 30.83 9.08
C SER B 163 -9.99 30.40 7.61
N GLY B 164 -8.84 30.01 7.07
CA GLY B 164 -8.70 29.43 5.72
C GLY B 164 -8.37 30.47 4.66
N ALA B 165 -8.32 31.76 5.01
CA ALA B 165 -8.09 32.87 4.06
C ALA B 165 -6.62 32.88 3.62
N LEU B 166 -5.69 32.87 4.60
CA LEU B 166 -4.22 32.80 4.33
C LEU B 166 -3.83 31.36 4.02
N THR B 167 -3.26 31.12 2.84
CA THR B 167 -2.95 29.76 2.31
C THR B 167 -1.51 29.71 1.76
N SER B 168 -1.12 30.68 0.92
CA SER B 168 0.22 30.72 0.27
C SER B 168 1.30 30.96 1.33
N GLY B 169 2.44 30.28 1.18
CA GLY B 169 3.62 30.41 2.06
C GLY B 169 3.41 29.75 3.41
N VAL B 170 2.38 28.90 3.52
CA VAL B 170 2.04 28.15 4.77
C VAL B 170 2.80 26.83 4.76
N HIS B 171 3.38 26.47 5.91
CA HIS B 171 4.04 25.16 6.16
C HIS B 171 3.57 24.63 7.52
N THR B 172 2.72 23.61 7.50
CA THR B 172 2.34 22.81 8.69
C THR B 172 3.22 21.58 8.71
N PHE B 173 4.06 21.44 9.73
CA PHE B 173 5.08 20.38 9.80
C PHE B 173 4.42 19.08 10.24
N PRO B 174 4.83 17.93 9.67
CA PRO B 174 4.47 16.64 10.24
C PRO B 174 4.70 16.65 11.76
N ALA B 175 3.77 16.04 12.50
CA ALA B 175 3.84 15.85 13.97
C ALA B 175 4.99 14.88 14.28
N VAL B 176 5.76 15.18 15.32
CA VAL B 176 6.77 14.24 15.90
C VAL B 176 6.23 13.74 17.24
N LEU B 177 6.52 12.48 17.56
CA LEU B 177 6.23 11.84 18.87
C LEU B 177 7.27 12.34 19.88
N GLN B 178 6.83 12.67 21.10
CA GLN B 178 7.69 13.24 22.17
C GLN B 178 7.97 12.16 23.23
N SER B 179 8.98 12.37 24.08
CA SER B 179 9.37 11.43 25.16
C SER B 179 8.13 11.06 25.99
N SER B 180 7.26 12.04 26.23
CA SER B 180 5.97 11.92 26.96
C SER B 180 5.01 10.97 26.23
N GLY B 181 5.20 10.79 24.92
CA GLY B 181 4.30 10.01 24.05
C GLY B 181 3.15 10.85 23.50
N LEU B 182 3.19 12.16 23.72
CA LEU B 182 2.22 13.14 23.13
C LEU B 182 2.82 13.71 21.85
N TYR B 183 1.96 13.90 20.84
CA TYR B 183 2.34 14.46 19.52
C TYR B 183 2.52 15.97 19.65
N SER B 184 3.30 16.54 18.73
CA SER B 184 3.65 17.98 18.67
C SER B 184 4.06 18.32 17.24
N LEU B 185 3.46 19.39 16.68
CA LEU B 185 3.93 19.99 15.40
C LEU B 185 3.92 21.50 15.54
N SER B 186 4.51 22.16 14.55
CA SER B 186 4.44 23.62 14.31
C SER B 186 3.80 23.83 12.95
N SER B 187 3.08 24.93 12.81
CA SER B 187 2.65 25.51 11.51
C SER B 187 3.26 26.91 11.40
N VAL B 188 3.86 27.23 10.26
CA VAL B 188 4.50 28.54 10.00
C VAL B 188 3.97 29.11 8.68
N VAL B 189 4.03 30.44 8.56
CA VAL B 189 3.72 31.19 7.31
C VAL B 189 4.69 32.36 7.23
N THR B 190 5.27 32.57 6.04
CA THR B 190 6.05 33.78 5.68
C THR B 190 5.08 34.85 5.16
N VAL B 191 5.17 36.06 5.69
CA VAL B 191 4.36 37.24 5.26
C VAL B 191 5.28 38.44 5.13
N PRO B 192 4.89 39.49 4.37
CA PRO B 192 5.64 40.75 4.35
C PRO B 192 5.77 41.37 5.76
N SER B 193 6.98 41.77 6.14
CA SER B 193 7.34 42.37 7.45
C SER B 193 6.70 43.76 7.60
N SER B 194 6.26 44.36 6.49
CA SER B 194 5.48 45.63 6.44
C SER B 194 4.08 45.38 7.01
N SER B 195 3.38 44.35 6.51
CA SER B 195 1.99 44.00 6.87
C SER B 195 1.90 43.49 8.33
N LEU B 196 3.03 43.18 8.96
CA LEU B 196 3.10 42.48 10.29
C LEU B 196 2.32 43.24 11.36
N GLY B 197 2.45 44.58 11.42
CA GLY B 197 1.88 45.41 12.50
C GLY B 197 0.43 45.82 12.25
N THR B 198 -0.06 45.70 11.02
CA THR B 198 -1.43 46.12 10.60
C THR B 198 -2.37 44.92 10.55
N GLN B 199 -1.91 43.78 10.04
CA GLN B 199 -2.66 42.50 9.92
C GLN B 199 -2.61 41.73 11.26
N THR B 200 -3.66 40.99 11.58
CA THR B 200 -3.64 39.93 12.63
C THR B 200 -3.60 38.55 11.95
N TYR B 201 -2.70 37.69 12.41
CA TYR B 201 -2.50 36.32 11.89
C TYR B 201 -2.93 35.30 12.97
N ILE B 202 -4.14 34.74 12.82
CA ILE B 202 -4.73 33.72 13.74
C ILE B 202 -4.57 32.33 13.11
N CYS B 203 -3.87 31.41 13.79
CA CYS B 203 -3.91 29.98 13.41
C CYS B 203 -5.10 29.31 14.08
N ASN B 204 -5.88 28.56 13.30
CA ASN B 204 -7.07 27.80 13.76
C ASN B 204 -6.66 26.34 13.85
N VAL B 205 -6.54 25.85 15.09
CA VAL B 205 -6.12 24.46 15.42
C VAL B 205 -7.37 23.67 15.84
N ASN B 206 -7.56 22.49 15.24
CA ASN B 206 -8.78 21.66 15.37
C ASN B 206 -8.36 20.22 15.62
N HIS B 207 -8.69 19.67 16.79
CA HIS B 207 -8.31 18.28 17.20
C HIS B 207 -9.58 17.46 17.45
N LYS B 208 -10.16 16.93 16.38
CA LYS B 208 -11.49 16.25 16.37
C LYS B 208 -11.56 15.21 17.49
N PRO B 209 -10.54 14.31 17.64
CA PRO B 209 -10.52 13.34 18.73
C PRO B 209 -10.90 13.85 20.12
N SER B 210 -10.37 14.99 20.55
CA SER B 210 -10.60 15.59 21.90
C SER B 210 -11.76 16.59 21.85
N ASN B 211 -12.28 16.89 20.65
CA ASN B 211 -13.34 17.90 20.40
C ASN B 211 -12.82 19.31 20.74
N THR B 212 -11.54 19.59 20.51
CA THR B 212 -10.89 20.88 20.87
C THR B 212 -10.62 21.73 19.62
N LYS B 213 -11.15 22.95 19.60
CA LYS B 213 -10.86 24.00 18.60
C LYS B 213 -10.23 25.19 19.32
N VAL B 214 -9.02 25.57 18.90
CA VAL B 214 -8.24 26.68 19.50
C VAL B 214 -7.88 27.67 18.39
N ASP B 215 -8.15 28.95 18.64
CA ASP B 215 -7.66 30.08 17.82
C ASP B 215 -6.52 30.73 18.60
N LYS B 216 -5.37 30.91 17.96
CA LYS B 216 -4.19 31.54 18.59
C LYS B 216 -3.62 32.59 17.64
N LYS B 217 -3.46 33.82 18.14
CA LYS B 217 -2.87 34.97 17.40
C LYS B 217 -1.36 34.93 17.56
N ALA B 218 -0.62 35.12 16.46
CA ALA B 218 0.85 35.28 16.41
C ALA B 218 1.19 36.78 16.41
N GLU B 219 1.06 37.41 17.58
CA GLU B 219 1.32 38.87 17.79
C GLU B 219 2.84 39.06 17.88
N PRO B 220 3.36 40.26 17.51
CA PRO B 220 4.81 40.51 17.56
C PRO B 220 5.34 40.69 18.98
N VAL C 7 -9.63 -50.73 -15.72
CA VAL C 7 -8.76 -49.59 -16.14
C VAL C 7 -8.04 -49.06 -14.89
N ARG C 8 -6.73 -48.80 -15.01
CA ARG C 8 -5.93 -48.16 -13.94
C ARG C 8 -6.32 -46.67 -13.86
N SER C 9 -6.98 -46.29 -12.76
CA SER C 9 -7.41 -44.90 -12.46
C SER C 9 -7.23 -44.64 -10.96
N LEU C 10 -6.71 -43.45 -10.60
CA LEU C 10 -6.49 -43.03 -9.19
C LEU C 10 -7.20 -41.69 -8.95
N ASN C 11 -7.50 -41.40 -7.68
CA ASN C 11 -8.10 -40.11 -7.24
C ASN C 11 -6.99 -39.19 -6.74
N CYS C 12 -7.09 -37.89 -7.05
CA CYS C 12 -6.10 -36.84 -6.67
C CYS C 12 -6.71 -35.44 -6.79
N THR C 13 -5.98 -34.45 -6.27
CA THR C 13 -6.27 -33.00 -6.45
C THR C 13 -5.15 -32.40 -7.29
N LEU C 14 -5.50 -31.47 -8.17
CA LEU C 14 -4.55 -30.66 -8.97
C LEU C 14 -4.35 -29.32 -8.26
N ARG C 15 -3.20 -28.70 -8.47
CA ARG C 15 -2.83 -27.37 -7.93
C ARG C 15 -1.76 -26.75 -8.83
N ASP C 16 -1.97 -25.53 -9.31
CA ASP C 16 -1.04 -24.87 -10.27
C ASP C 16 0.24 -24.48 -9.51
N SER C 17 1.27 -24.05 -10.24
CA SER C 17 2.64 -23.82 -9.70
C SER C 17 2.61 -22.75 -8.61
N GLN C 18 1.61 -21.86 -8.65
CA GLN C 18 1.49 -20.68 -7.73
C GLN C 18 0.60 -21.02 -6.53
N GLN C 19 0.35 -22.31 -6.27
CA GLN C 19 -0.34 -22.82 -5.06
C GLN C 19 -1.84 -22.47 -5.13
N LYS C 20 -2.39 -22.32 -6.34
CA LYS C 20 -3.84 -22.11 -6.57
C LYS C 20 -4.51 -23.49 -6.70
N SER C 21 -5.49 -23.79 -5.84
CA SER C 21 -6.35 -24.99 -5.89
C SER C 21 -7.43 -24.82 -6.97
N LEU C 22 -8.07 -25.92 -7.37
CA LEU C 22 -9.18 -25.95 -8.36
C LEU C 22 -10.49 -26.25 -7.62
N VAL C 23 -11.53 -25.43 -7.85
CA VAL C 23 -12.89 -25.59 -7.24
C VAL C 23 -13.93 -25.54 -8.36
N MET C 24 -15.12 -26.08 -8.09
CA MET C 24 -16.34 -25.95 -8.93
C MET C 24 -16.88 -24.52 -8.81
N SER C 25 -17.10 -23.85 -9.94
CA SER C 25 -17.86 -22.58 -10.03
C SER C 25 -19.05 -22.78 -10.95
N GLY C 26 -20.17 -23.26 -10.39
CA GLY C 26 -21.38 -23.63 -11.15
C GLY C 26 -21.21 -25.00 -11.82
N PRO C 27 -22.25 -25.49 -12.53
CA PRO C 27 -22.31 -26.90 -12.93
C PRO C 27 -21.20 -27.35 -13.88
N TYR C 28 -20.77 -26.50 -14.83
CA TYR C 28 -19.89 -26.89 -15.96
C TYR C 28 -18.66 -25.97 -16.07
N GLU C 29 -18.05 -25.59 -14.94
CA GLU C 29 -16.82 -24.75 -14.92
C GLU C 29 -15.98 -25.02 -13.66
N LEU C 30 -14.65 -25.10 -13.83
CA LEU C 30 -13.65 -25.08 -12.73
C LEU C 30 -13.07 -23.67 -12.62
N LYS C 31 -12.64 -23.27 -11.43
CA LYS C 31 -11.84 -22.02 -11.22
C LYS C 31 -10.68 -22.34 -10.27
N ALA C 32 -9.62 -21.52 -10.32
CA ALA C 32 -8.37 -21.67 -9.55
C ALA C 32 -8.20 -20.43 -8.66
N LEU C 33 -8.29 -20.62 -7.35
CA LEU C 33 -8.05 -19.56 -6.34
C LEU C 33 -7.28 -20.16 -5.16
N HIS C 34 -6.61 -19.31 -4.40
CA HIS C 34 -5.91 -19.67 -3.15
C HIS C 34 -6.99 -20.04 -2.11
N LEU C 35 -6.83 -21.20 -1.46
CA LEU C 35 -7.69 -21.66 -0.35
C LEU C 35 -6.86 -21.76 0.92
N GLN C 36 -7.49 -21.51 2.08
CA GLN C 36 -6.83 -21.46 3.41
C GLN C 36 -7.77 -22.09 4.43
N GLY C 37 -7.24 -23.02 5.25
CA GLY C 37 -8.02 -23.73 6.29
C GLY C 37 -9.11 -24.59 5.66
N GLN C 38 -10.34 -24.42 6.12
CA GLN C 38 -11.48 -25.32 5.79
C GLN C 38 -12.04 -25.00 4.39
N ASP C 39 -11.66 -23.88 3.77
CA ASP C 39 -11.98 -23.60 2.35
C ASP C 39 -11.29 -24.66 1.48
N MET C 40 -10.14 -25.18 1.94
CA MET C 40 -9.27 -26.16 1.23
C MET C 40 -10.01 -27.48 1.05
N GLU C 41 -10.94 -27.79 1.95
CA GLU C 41 -11.89 -28.94 1.88
C GLU C 41 -12.65 -28.92 0.55
N GLN C 42 -12.92 -27.74 -0.02
CA GLN C 42 -13.83 -27.53 -1.18
C GLN C 42 -13.11 -27.78 -2.52
N GLN C 43 -11.80 -28.09 -2.51
CA GLN C 43 -11.03 -28.38 -3.75
C GLN C 43 -11.57 -29.67 -4.40
N VAL C 44 -11.71 -29.67 -5.73
CA VAL C 44 -12.29 -30.78 -6.53
C VAL C 44 -11.30 -31.94 -6.59
N VAL C 45 -11.81 -33.16 -6.38
CA VAL C 45 -11.03 -34.43 -6.48
C VAL C 45 -11.24 -34.99 -7.89
N PHE C 46 -10.14 -35.20 -8.62
CA PHE C 46 -10.13 -35.74 -10.01
C PHE C 46 -9.94 -37.25 -9.95
N SER C 47 -10.61 -37.98 -10.85
CA SER C 47 -10.45 -39.46 -11.06
C SER C 47 -9.68 -39.70 -12.36
N MET C 48 -8.37 -39.39 -12.35
CA MET C 48 -7.46 -39.51 -13.52
C MET C 48 -7.35 -40.98 -13.95
N SER C 49 -7.99 -41.34 -15.06
CA SER C 49 -7.95 -42.69 -15.68
C SER C 49 -6.80 -42.76 -16.68
N PHE C 50 -5.89 -43.74 -16.51
CA PHE C 50 -4.77 -44.02 -17.44
C PHE C 50 -5.33 -44.78 -18.65
N VAL C 51 -5.12 -44.23 -19.85
CA VAL C 51 -5.76 -44.70 -21.13
C VAL C 51 -4.70 -44.92 -22.19
N GLN C 52 -5.04 -45.60 -23.28
CA GLN C 52 -4.12 -45.95 -24.40
C GLN C 52 -4.02 -44.76 -25.35
N GLY C 53 -2.85 -44.56 -25.97
CA GLY C 53 -2.54 -43.44 -26.88
C GLY C 53 -1.07 -43.37 -27.22
N GLU C 54 -0.63 -42.24 -27.80
CA GLU C 54 0.78 -41.98 -28.22
C GLU C 54 1.64 -41.75 -26.97
N GLU C 55 2.35 -42.80 -26.52
CA GLU C 55 3.20 -42.80 -25.30
C GLU C 55 4.65 -42.46 -25.67
N SER C 56 4.97 -41.16 -25.73
CA SER C 56 6.32 -40.62 -26.05
C SER C 56 7.18 -40.60 -24.76
N ASN C 57 8.37 -39.99 -24.82
CA ASN C 57 9.36 -39.94 -23.72
C ASN C 57 8.65 -39.62 -22.39
N ASP C 58 7.99 -38.47 -22.30
CA ASP C 58 7.40 -37.93 -21.05
C ASP C 58 5.87 -37.82 -21.14
N LYS C 59 5.27 -38.03 -22.32
CA LYS C 59 3.81 -37.87 -22.57
C LYS C 59 3.09 -39.19 -22.25
N ILE C 60 2.42 -39.26 -21.09
CA ILE C 60 1.50 -40.37 -20.70
C ILE C 60 0.06 -39.89 -20.92
N PRO C 61 -0.70 -40.52 -21.84
CA PRO C 61 -2.08 -40.11 -22.09
C PRO C 61 -3.02 -40.51 -20.93
N VAL C 62 -3.90 -39.58 -20.51
CA VAL C 62 -4.81 -39.72 -19.33
C VAL C 62 -6.15 -39.04 -19.63
N ALA C 63 -7.15 -39.30 -18.76
CA ALA C 63 -8.52 -38.74 -18.83
C ALA C 63 -8.96 -38.29 -17.43
N LEU C 64 -9.20 -36.99 -17.24
CA LEU C 64 -9.51 -36.38 -15.92
C LEU C 64 -11.03 -36.30 -15.74
N GLY C 65 -11.56 -37.02 -14.75
CA GLY C 65 -12.99 -37.00 -14.37
C GLY C 65 -13.17 -36.43 -12.97
N LEU C 66 -14.38 -35.93 -12.66
CA LEU C 66 -14.74 -35.39 -11.32
C LEU C 66 -15.60 -36.42 -10.58
N LYS C 67 -15.17 -36.80 -9.37
CA LYS C 67 -15.68 -37.99 -8.64
C LYS C 67 -17.14 -37.74 -8.22
N GLU C 68 -18.03 -38.69 -8.54
CA GLU C 68 -19.46 -38.75 -8.12
C GLU C 68 -20.28 -37.58 -8.69
N LYS C 69 -19.75 -36.86 -9.68
CA LYS C 69 -20.48 -35.75 -10.38
C LYS C 69 -20.88 -36.21 -11.79
N ASN C 70 -20.19 -37.21 -12.34
CA ASN C 70 -20.40 -37.79 -13.70
C ASN C 70 -19.95 -36.77 -14.74
N LEU C 71 -18.90 -36.00 -14.42
CA LEU C 71 -18.29 -34.96 -15.30
C LEU C 71 -16.88 -35.41 -15.71
N TYR C 72 -16.49 -35.14 -16.96
CA TYR C 72 -15.12 -35.29 -17.50
C TYR C 72 -14.74 -34.00 -18.24
N LEU C 73 -13.47 -33.59 -18.14
CA LEU C 73 -12.91 -32.44 -18.91
C LEU C 73 -12.78 -32.85 -20.38
N SER C 74 -13.51 -32.17 -21.26
CA SER C 74 -13.48 -32.38 -22.73
C SER C 74 -12.87 -31.15 -23.43
N CYS C 75 -12.22 -31.36 -24.56
CA CYS C 75 -11.74 -30.30 -25.48
C CYS C 75 -12.66 -30.24 -26.70
N VAL C 76 -13.23 -29.06 -26.99
CA VAL C 76 -14.15 -28.85 -28.16
C VAL C 76 -13.94 -27.45 -28.72
N LEU C 77 -14.44 -27.21 -29.94
CA LEU C 77 -14.30 -25.93 -30.67
C LEU C 77 -15.55 -25.08 -30.42
N LYS C 78 -15.40 -23.75 -30.50
CA LYS C 78 -16.53 -22.78 -30.42
C LYS C 78 -16.44 -21.80 -31.59
N ASP C 79 -15.35 -21.02 -31.66
CA ASP C 79 -15.06 -20.07 -32.77
C ASP C 79 -13.86 -20.60 -33.55
N ASP C 80 -13.94 -21.85 -34.02
CA ASP C 80 -12.81 -22.62 -34.63
C ASP C 80 -11.61 -22.55 -33.67
N LYS C 81 -11.88 -22.52 -32.36
CA LYS C 81 -10.90 -22.27 -31.27
C LYS C 81 -11.13 -23.29 -30.17
N PRO C 82 -10.17 -24.19 -29.86
CA PRO C 82 -10.40 -25.24 -28.87
C PRO C 82 -10.48 -24.63 -27.47
N THR C 83 -11.38 -25.18 -26.65
CA THR C 83 -11.75 -24.64 -25.32
C THR C 83 -11.93 -25.82 -24.36
N LEU C 84 -11.69 -25.60 -23.07
CA LEU C 84 -11.98 -26.57 -21.99
C LEU C 84 -13.46 -26.44 -21.61
N GLN C 85 -14.15 -27.57 -21.46
CA GLN C 85 -15.56 -27.61 -20.99
C GLN C 85 -15.80 -28.95 -20.30
N LEU C 86 -16.55 -28.93 -19.19
CA LEU C 86 -16.95 -30.14 -18.41
C LEU C 86 -18.19 -30.75 -19.05
N GLU C 87 -18.10 -32.00 -19.52
CA GLU C 87 -19.16 -32.70 -20.28
C GLU C 87 -19.76 -33.80 -19.40
N SER C 88 -21.09 -33.93 -19.42
CA SER C 88 -21.89 -34.98 -18.73
C SER C 88 -21.63 -36.34 -19.40
N VAL C 89 -21.68 -37.42 -18.60
CA VAL C 89 -21.23 -38.79 -18.98
C VAL C 89 -22.17 -39.82 -18.32
N ASP C 90 -22.44 -40.93 -19.02
CA ASP C 90 -23.18 -42.10 -18.48
C ASP C 90 -22.24 -42.88 -17.57
N PRO C 91 -22.51 -42.96 -16.24
CA PRO C 91 -21.56 -43.54 -15.29
C PRO C 91 -21.40 -45.06 -15.37
N LYS C 92 -22.38 -45.77 -15.94
CA LYS C 92 -22.36 -47.24 -16.11
C LYS C 92 -21.40 -47.64 -17.24
N ASN C 93 -21.16 -46.73 -18.20
CA ASN C 93 -20.25 -46.93 -19.35
C ASN C 93 -18.80 -46.62 -18.94
N TYR C 94 -18.56 -45.42 -18.40
CA TYR C 94 -17.22 -44.85 -18.08
C TYR C 94 -16.88 -45.12 -16.62
N PRO C 95 -15.60 -45.21 -16.21
CA PRO C 95 -14.45 -44.96 -17.10
C PRO C 95 -14.14 -46.14 -18.04
N LYS C 96 -13.34 -45.87 -19.09
CA LYS C 96 -13.07 -46.82 -20.21
C LYS C 96 -11.60 -46.74 -20.62
N LYS C 97 -11.09 -47.78 -21.29
CA LYS C 97 -9.72 -47.83 -21.89
C LYS C 97 -9.66 -46.92 -23.11
N LYS C 98 -10.47 -47.21 -24.14
CA LYS C 98 -10.49 -46.51 -25.44
C LYS C 98 -11.51 -45.37 -25.38
N MET C 99 -11.14 -44.24 -24.76
CA MET C 99 -11.98 -43.02 -24.62
C MET C 99 -11.72 -42.09 -25.79
N GLU C 100 -12.71 -41.26 -26.14
CA GLU C 100 -12.70 -40.33 -27.31
C GLU C 100 -11.64 -39.24 -27.09
N LYS C 101 -11.04 -38.76 -28.17
CA LYS C 101 -9.81 -37.92 -28.20
C LYS C 101 -10.08 -36.55 -27.56
N ARG C 102 -11.35 -36.14 -27.43
CA ARG C 102 -11.74 -34.86 -26.80
C ARG C 102 -11.60 -34.96 -25.27
N PHE C 103 -11.66 -36.18 -24.71
CA PHE C 103 -11.53 -36.46 -23.25
C PHE C 103 -10.08 -36.81 -22.87
N VAL C 104 -9.14 -36.77 -23.83
CA VAL C 104 -7.75 -37.30 -23.65
C VAL C 104 -6.77 -36.13 -23.52
N PHE C 105 -5.96 -36.15 -22.45
CA PHE C 105 -4.87 -35.18 -22.17
C PHE C 105 -3.54 -35.93 -22.05
N ASN C 106 -2.46 -35.35 -22.57
CA ASN C 106 -1.08 -35.88 -22.43
C ASN C 106 -0.49 -35.33 -21.13
N LYS C 107 -0.22 -36.21 -20.16
CA LYS C 107 0.44 -35.84 -18.88
C LYS C 107 1.94 -35.70 -19.12
N ILE C 108 2.42 -34.47 -19.34
CA ILE C 108 3.87 -34.17 -19.62
C ILE C 108 4.57 -33.84 -18.30
N GLU C 109 5.61 -34.59 -17.94
CA GLU C 109 6.50 -34.28 -16.78
C GLU C 109 7.74 -33.56 -17.34
N ILE C 110 7.57 -32.31 -17.78
CA ILE C 110 8.62 -31.52 -18.52
C ILE C 110 9.80 -31.24 -17.57
N ASN C 111 9.53 -30.82 -16.33
CA ASN C 111 10.54 -30.64 -15.26
C ASN C 111 10.27 -31.69 -14.17
N ASN C 112 10.09 -31.27 -12.91
CA ASN C 112 9.38 -32.04 -11.86
C ASN C 112 7.98 -31.41 -11.69
N LYS C 113 7.45 -30.85 -12.77
CA LYS C 113 6.10 -30.22 -12.87
C LYS C 113 5.25 -31.01 -13.88
N LEU C 114 3.93 -31.01 -13.72
CA LEU C 114 2.96 -31.72 -14.60
C LEU C 114 2.25 -30.71 -15.51
N GLU C 115 2.33 -30.91 -16.83
CA GLU C 115 1.47 -30.22 -17.83
C GLU C 115 0.32 -31.17 -18.19
N PHE C 116 -0.66 -30.68 -18.96
CA PHE C 116 -1.81 -31.50 -19.48
C PHE C 116 -2.20 -30.97 -20.86
N GLU C 117 -1.50 -31.44 -21.91
CA GLU C 117 -1.71 -31.05 -23.32
C GLU C 117 -2.92 -31.81 -23.88
N SER C 118 -3.76 -31.14 -24.67
CA SER C 118 -4.91 -31.77 -25.38
C SER C 118 -4.39 -32.71 -26.46
N ALA C 119 -4.90 -33.94 -26.51
CA ALA C 119 -4.54 -34.96 -27.51
C ALA C 119 -5.13 -34.57 -28.87
N GLN C 120 -6.40 -34.17 -28.91
CA GLN C 120 -7.13 -33.83 -30.15
C GLN C 120 -6.61 -32.49 -30.71
N PHE C 121 -6.08 -31.63 -29.84
CA PHE C 121 -5.60 -30.25 -30.17
C PHE C 121 -4.18 -30.07 -29.67
N PRO C 122 -3.15 -30.41 -30.48
CA PRO C 122 -1.75 -30.18 -30.10
C PRO C 122 -1.44 -28.70 -29.78
N ASN C 123 -0.59 -28.47 -28.77
CA ASN C 123 -0.06 -27.14 -28.34
C ASN C 123 -1.11 -26.40 -27.50
N TRP C 124 -2.20 -27.07 -27.14
CA TRP C 124 -3.31 -26.53 -26.30
C TRP C 124 -3.33 -27.28 -24.97
N TYR C 125 -2.86 -26.62 -23.90
CA TYR C 125 -2.61 -27.22 -22.55
C TYR C 125 -3.65 -26.69 -21.56
N ILE C 126 -4.08 -27.53 -20.61
CA ILE C 126 -4.89 -27.08 -19.43
C ILE C 126 -4.09 -25.95 -18.78
N SER C 127 -4.72 -24.78 -18.62
CA SER C 127 -4.07 -23.53 -18.16
C SER C 127 -4.90 -22.86 -17.06
N THR C 128 -4.26 -21.98 -16.29
CA THR C 128 -4.90 -21.08 -15.30
C THR C 128 -4.32 -19.68 -15.48
N SER C 129 -5.07 -18.68 -15.01
CA SER C 129 -4.67 -17.24 -15.02
C SER C 129 -3.78 -16.95 -13.81
N GLN C 130 -3.10 -15.80 -13.84
CA GLN C 130 -2.26 -15.28 -12.74
C GLN C 130 -3.19 -14.87 -11.59
N ALA C 131 -4.18 -14.05 -11.95
CA ALA C 131 -5.22 -13.52 -11.03
C ALA C 131 -6.06 -14.68 -10.50
N GLU C 132 -6.37 -14.59 -9.21
CA GLU C 132 -7.16 -15.55 -8.40
C GLU C 132 -8.56 -15.76 -9.01
N ASN C 133 -9.13 -16.97 -8.83
CA ASN C 133 -10.58 -17.26 -8.98
C ASN C 133 -11.04 -16.94 -10.40
N MET C 134 -10.24 -17.31 -11.40
CA MET C 134 -10.56 -17.22 -12.84
C MET C 134 -10.72 -18.62 -13.40
N PRO C 135 -11.51 -18.80 -14.50
CA PRO C 135 -11.82 -20.13 -15.01
C PRO C 135 -10.53 -20.87 -15.39
N VAL C 136 -10.56 -22.20 -15.27
CA VAL C 136 -9.57 -23.09 -15.93
C VAL C 136 -9.99 -23.21 -17.39
N PHE C 137 -9.04 -23.07 -18.31
CA PHE C 137 -9.24 -23.05 -19.78
C PHE C 137 -8.08 -23.78 -20.46
N LEU C 138 -8.15 -23.91 -21.79
CA LEU C 138 -7.05 -24.43 -22.65
C LEU C 138 -6.24 -23.26 -23.21
N GLY C 139 -4.95 -23.20 -22.85
CA GLY C 139 -4.01 -22.14 -23.26
C GLY C 139 -3.17 -22.55 -24.46
N GLY C 140 -3.29 -21.77 -25.55
CA GLY C 140 -2.74 -22.08 -26.89
C GLY C 140 -1.23 -22.04 -26.95
N THR C 141 -0.57 -21.35 -26.01
CA THR C 141 0.92 -21.32 -25.87
C THR C 141 1.33 -22.07 -24.60
N LYS C 142 2.60 -22.49 -24.57
CA LYS C 142 3.32 -22.97 -23.37
C LYS C 142 4.08 -21.78 -22.79
N GLY C 143 4.82 -21.04 -23.65
CA GLY C 143 5.62 -19.86 -23.28
C GLY C 143 4.88 -18.55 -23.54
N GLY C 144 3.89 -18.24 -22.70
CA GLY C 144 3.07 -17.01 -22.77
C GLY C 144 2.98 -16.33 -21.41
N GLN C 145 1.81 -15.77 -21.07
CA GLN C 145 1.55 -15.02 -19.80
C GLN C 145 0.61 -15.84 -18.89
N ASP C 146 0.49 -17.15 -19.13
CA ASP C 146 -0.45 -18.07 -18.45
C ASP C 146 0.32 -19.20 -17.76
N ILE C 147 -0.31 -19.88 -16.81
CA ILE C 147 0.30 -20.94 -15.95
C ILE C 147 -0.16 -22.32 -16.47
N THR C 148 0.76 -23.03 -17.11
CA THR C 148 0.54 -24.31 -17.83
C THR C 148 1.09 -25.48 -17.01
N ASP C 149 1.83 -25.19 -15.94
CA ASP C 149 2.58 -26.16 -15.10
C ASP C 149 1.85 -26.34 -13.76
N PHE C 150 1.59 -27.59 -13.36
CA PHE C 150 0.81 -27.97 -12.16
C PHE C 150 1.60 -28.95 -11.28
N THR C 151 1.27 -28.98 -9.98
CA THR C 151 1.65 -30.05 -9.02
C THR C 151 0.44 -30.96 -8.79
N MET C 152 0.66 -32.13 -8.19
CA MET C 152 -0.37 -33.19 -7.99
C MET C 152 -0.26 -33.75 -6.56
N GLN C 153 -1.40 -33.98 -5.91
CA GLN C 153 -1.51 -34.49 -4.52
C GLN C 153 -2.50 -35.65 -4.51
N PHE C 154 -2.01 -36.88 -4.33
CA PHE C 154 -2.79 -38.14 -4.50
C PHE C 154 -3.70 -38.35 -3.29
N VAL C 155 -4.94 -38.82 -3.53
CA VAL C 155 -6.00 -39.03 -2.50
C VAL C 155 -6.54 -40.46 -2.63
N SER C 156 -6.81 -41.11 -1.50
CA SER C 156 -7.38 -42.48 -1.42
C SER C 156 -7.92 -42.75 -0.01
#